data_6QFY
#
_entry.id   6QFY
#
_cell.length_a   112.572
_cell.length_b   112.572
_cell.length_c   141.441
_cell.angle_alpha   90.000
_cell.angle_beta   90.000
_cell.angle_gamma   120.000
#
_symmetry.space_group_name_H-M   'P 31 2 1'
#
loop_
_entity.id
_entity.type
_entity.pdbx_description
1 polymer 'Spike glycoprotein'
2 branched 2-acetamido-2-deoxy-beta-D-glucopyranose-(1-4)-2-acetamido-2-deoxy-beta-D-glucopyranose
3 branched beta-D-mannopyranose-(1-4)-2-acetamido-2-deoxy-beta-D-glucopyranose-(1-4)-2-acetamido-2-deoxy-beta-D-glucopyranose
4 non-polymer 2-acetamido-2-deoxy-beta-D-glucopyranose
5 water water
#
_entity_poly.entity_id   1
_entity_poly.type   'polypeptide(L)'
_entity_poly.pdbx_seq_one_letter_code
;VIGDLKCNTSSINDVDTGVPSISSEVVDVTNGLGTFYVLDRVYLNTTLLLNGYYPISGATFRNMALKGTRLLSTLWFKSP
FLSPFNDGIFAKVKNSRFSKDGVIYSEFPAITIGSTFVNSSHSIVVKPHTSFINGNLQGLLQISVCQYTMCEYPHTICHP
NLGNQRIELWHYDTDVVSCLYKRNFTYDVNADYLYFHFYQEGGTFYAYFTDTGFVTKFLFKLYLGTVLSHYYVMPLTCDS
ALSLEYWVTPLTTRQFLLAFDQDGVLYHAVDCASDFMSEIMCKTSSDP
;
_entity_poly.pdbx_strand_id   A,B
#
# COMPACT_ATOMS: atom_id res chain seq x y z
N VAL A 1 7.61 -2.98 -21.54
CA VAL A 1 6.60 -3.84 -20.87
C VAL A 1 6.12 -3.14 -19.61
N ILE A 2 4.82 -3.19 -19.34
CA ILE A 2 4.19 -2.65 -18.10
C ILE A 2 3.82 -3.83 -17.20
N GLY A 3 2.81 -4.62 -17.58
CA GLY A 3 2.47 -5.89 -16.93
C GLY A 3 3.50 -6.95 -17.29
N ASP A 4 3.14 -8.24 -17.21
CA ASP A 4 3.99 -9.34 -17.74
C ASP A 4 3.06 -10.48 -18.16
N LEU A 5 2.09 -10.15 -18.99
CA LEU A 5 1.14 -11.11 -19.60
C LEU A 5 1.04 -10.79 -21.10
N LYS A 6 1.50 -11.70 -21.97
CA LYS A 6 1.43 -11.54 -23.44
C LYS A 6 -0.03 -11.69 -23.87
N CYS A 7 -0.77 -10.58 -23.94
CA CYS A 7 -2.21 -10.51 -24.29
C CYS A 7 -2.37 -10.55 -25.81
N ASN A 8 -3.32 -9.78 -26.36
CA ASN A 8 -3.58 -9.67 -27.86
C ASN A 8 -2.40 -8.92 -28.65
N THR A 9 -1.31 -9.85 -28.76
CA THR A 9 0.06 -9.40 -29.14
C THR A 9 0.19 -9.32 -30.66
N SER A 10 -0.67 -8.51 -31.29
CA SER A 10 -0.75 -8.29 -32.77
C SER A 10 -0.64 -6.80 -33.09
N SER A 11 -0.05 -6.47 -34.24
CA SER A 11 0.18 -5.09 -34.75
C SER A 11 1.09 -4.34 -33.76
N ILE A 12 2.27 -4.91 -33.46
CA ILE A 12 3.31 -4.30 -32.60
C ILE A 12 4.64 -4.28 -33.38
N ASN A 13 5.28 -3.12 -33.50
CA ASN A 13 6.63 -2.99 -34.08
C ASN A 13 7.55 -2.35 -33.02
N ASP A 14 8.79 -2.04 -33.39
CA ASP A 14 9.85 -1.53 -32.47
C ASP A 14 10.29 -0.16 -32.95
N VAL A 15 9.35 0.66 -33.40
CA VAL A 15 9.62 1.92 -34.15
C VAL A 15 9.90 3.05 -33.16
N ASP A 16 11.06 3.71 -33.31
CA ASP A 16 11.48 4.90 -32.54
C ASP A 16 10.67 6.10 -33.03
N THR A 17 9.74 6.60 -32.22
CA THR A 17 8.88 7.79 -32.49
C THR A 17 9.34 8.97 -31.65
N GLY A 18 10.59 8.91 -31.15
CA GLY A 18 11.18 9.96 -30.30
C GLY A 18 10.77 9.80 -28.85
N VAL A 19 10.82 10.91 -28.11
CA VAL A 19 10.85 10.98 -26.62
C VAL A 19 9.85 12.04 -26.18
N PRO A 20 9.16 11.88 -25.02
CA PRO A 20 8.09 12.80 -24.63
C PRO A 20 8.49 14.28 -24.74
N SER A 21 7.70 15.05 -25.50
CA SER A 21 7.89 16.49 -25.77
C SER A 21 8.03 17.29 -24.47
N ILE A 22 9.04 18.17 -24.39
CA ILE A 22 9.30 19.12 -23.26
C ILE A 22 8.53 20.41 -23.54
N SER A 23 7.81 20.92 -22.55
CA SER A 23 7.07 22.21 -22.60
C SER A 23 8.06 23.37 -22.72
N SER A 24 7.65 24.43 -23.40
CA SER A 24 8.39 25.72 -23.48
C SER A 24 8.13 26.52 -22.20
N GLU A 25 6.92 26.40 -21.63
CA GLU A 25 6.60 27.02 -20.32
C GLU A 25 7.12 26.11 -19.20
N VAL A 26 7.64 26.72 -18.11
CA VAL A 26 8.05 26.03 -16.86
C VAL A 26 6.92 26.20 -15.84
N VAL A 27 6.96 25.45 -14.75
CA VAL A 27 6.08 25.65 -13.56
C VAL A 27 6.34 27.07 -13.04
N ASP A 28 5.31 27.90 -13.00
CA ASP A 28 5.28 29.18 -12.25
C ASP A 28 3.94 29.22 -11.53
N VAL A 29 3.97 29.37 -10.21
CA VAL A 29 2.79 29.16 -9.33
C VAL A 29 2.31 30.53 -8.81
N THR A 30 2.90 31.63 -9.30
CA THR A 30 2.74 33.00 -8.74
C THR A 30 1.26 33.43 -8.78
N ASN A 31 0.37 32.66 -9.43
CA ASN A 31 -1.10 32.81 -9.23
C ASN A 31 -1.81 31.47 -9.44
N GLY A 32 -1.39 30.43 -8.72
CA GLY A 32 -2.22 29.25 -8.41
C GLY A 32 -1.71 27.96 -9.03
N LEU A 33 -1.10 28.01 -10.20
CA LEU A 33 -0.78 26.78 -10.96
C LEU A 33 0.05 25.85 -10.07
N GLY A 34 -0.50 24.66 -9.77
CA GLY A 34 0.18 23.58 -9.03
C GLY A 34 -0.29 23.49 -7.59
N THR A 35 -1.19 24.39 -7.18
CA THR A 35 -1.78 24.42 -5.82
C THR A 35 -3.09 23.63 -5.82
N PHE A 36 -3.59 23.33 -4.62
CA PHE A 36 -4.86 22.61 -4.38
C PHE A 36 -5.61 23.29 -3.24
N TYR A 37 -6.89 22.96 -3.06
CA TYR A 37 -7.73 23.42 -1.94
C TYR A 37 -7.64 22.41 -0.79
N VAL A 38 -7.81 22.92 0.43
CA VAL A 38 -7.77 22.13 1.69
C VAL A 38 -9.11 21.40 1.84
N LEU A 39 -9.08 20.09 2.12
CA LEU A 39 -10.31 19.26 2.29
C LEU A 39 -11.11 19.74 3.51
N ASP A 40 -12.41 20.03 3.31
CA ASP A 40 -13.41 20.41 4.34
C ASP A 40 -12.93 21.65 5.12
N ARG A 41 -12.28 22.60 4.45
CA ARG A 41 -11.72 23.85 5.05
C ARG A 41 -11.62 24.94 3.98
N VAL A 42 -12.15 26.14 4.26
CA VAL A 42 -12.27 27.25 3.26
C VAL A 42 -11.85 28.57 3.91
N TYR A 43 -10.72 29.13 3.46
CA TYR A 43 -10.06 30.35 3.99
C TYR A 43 -10.50 31.55 3.18
N LEU A 44 -10.90 32.63 3.85
CA LEU A 44 -11.44 33.87 3.22
C LEU A 44 -10.55 35.05 3.61
N ASN A 45 -10.21 35.89 2.64
CA ASN A 45 -9.50 37.19 2.81
C ASN A 45 -8.36 37.00 3.82
N THR A 46 -7.38 36.18 3.47
CA THR A 46 -6.25 35.79 4.34
C THR A 46 -5.16 35.08 3.51
N THR A 47 -3.91 35.16 3.97
CA THR A 47 -2.79 34.32 3.47
C THR A 47 -2.61 33.15 4.45
N LEU A 48 -1.78 32.18 4.09
CA LEU A 48 -1.63 30.92 4.85
C LEU A 48 -0.35 30.20 4.38
N LEU A 49 0.72 30.26 5.17
CA LEU A 49 1.91 29.39 4.98
C LEU A 49 1.46 27.94 5.15
N LEU A 50 1.85 27.03 4.25
CA LEU A 50 1.32 25.64 4.22
C LEU A 50 2.34 24.69 3.56
N ASN A 51 2.71 23.62 4.28
CA ASN A 51 3.48 22.47 3.75
C ASN A 51 2.54 21.59 2.91
N GLY A 52 3.09 20.89 1.92
CA GLY A 52 2.30 20.05 1.00
C GLY A 52 3.11 19.61 -0.21
N TYR A 53 2.50 18.80 -1.06
CA TYR A 53 3.14 18.23 -2.27
C TYR A 53 2.84 19.16 -3.45
N TYR A 54 3.81 20.00 -3.76
CA TYR A 54 3.72 21.08 -4.79
C TYR A 54 4.75 20.81 -5.86
N PRO A 55 4.50 21.27 -7.11
CA PRO A 55 5.49 21.17 -8.19
C PRO A 55 6.61 22.18 -7.95
N ILE A 56 7.77 21.93 -8.57
CA ILE A 56 9.02 22.72 -8.37
C ILE A 56 9.05 23.87 -9.38
N SER A 57 9.10 25.12 -8.89
CA SER A 57 9.27 26.34 -9.71
C SER A 57 10.47 26.19 -10.65
N GLY A 58 10.30 26.52 -11.94
CA GLY A 58 11.36 26.48 -12.96
C GLY A 58 11.43 25.14 -13.67
N ALA A 59 10.74 24.12 -13.17
CA ALA A 59 10.69 22.75 -13.77
C ALA A 59 9.78 22.77 -15.00
N THR A 60 10.14 22.02 -16.04
CA THR A 60 9.32 21.87 -17.28
C THR A 60 8.29 20.76 -17.08
N PHE A 61 7.29 20.71 -17.95
CA PHE A 61 6.32 19.59 -18.09
C PHE A 61 6.77 18.69 -19.25
N ARG A 62 6.21 17.48 -19.30
CA ARG A 62 6.47 16.47 -20.37
C ARG A 62 5.13 15.95 -20.88
N ASN A 63 4.95 15.93 -22.19
CA ASN A 63 3.73 15.40 -22.84
C ASN A 63 3.85 13.88 -22.96
N MET A 64 3.25 13.15 -22.01
CA MET A 64 3.34 11.68 -21.91
C MET A 64 2.25 11.03 -22.77
N ALA A 65 1.45 11.84 -23.47
CA ALA A 65 0.39 11.36 -24.38
C ALA A 65 1.03 10.56 -25.52
N LEU A 66 0.47 9.40 -25.82
CA LEU A 66 0.86 8.54 -26.97
C LEU A 66 -0.41 8.25 -27.78
N LYS A 67 -0.40 8.58 -29.07
CA LYS A 67 -1.57 8.42 -29.98
C LYS A 67 -1.20 7.41 -31.07
N GLY A 68 -1.96 6.32 -31.18
CA GLY A 68 -1.78 5.26 -32.19
C GLY A 68 -3.00 5.14 -33.09
N THR A 69 -2.94 4.27 -34.10
CA THR A 69 -4.07 3.94 -35.01
C THR A 69 -4.32 2.43 -34.97
N ARG A 70 -3.36 1.66 -35.45
CA ARG A 70 -3.32 0.18 -35.30
C ARG A 70 -2.00 -0.21 -34.64
N LEU A 71 -0.88 0.34 -35.13
CA LEU A 71 0.48 -0.02 -34.66
C LEU A 71 0.76 0.57 -33.29
N LEU A 72 1.34 -0.24 -32.41
CA LEU A 72 1.97 0.18 -31.12
C LEU A 72 3.46 -0.17 -31.19
N SER A 73 4.30 0.70 -30.63
CA SER A 73 5.77 0.49 -30.52
C SER A 73 6.06 -0.14 -29.16
N THR A 74 6.95 -1.12 -29.11
CA THR A 74 7.43 -1.74 -27.85
C THR A 74 8.15 -0.67 -27.02
N LEU A 75 8.76 0.31 -27.69
CA LEU A 75 9.53 1.43 -27.07
C LEU A 75 8.60 2.38 -26.29
N TRP A 76 7.30 2.34 -26.59
CA TRP A 76 6.27 3.19 -25.92
C TRP A 76 6.06 2.71 -24.48
N PHE A 77 6.41 1.46 -24.16
CA PHE A 77 6.11 0.81 -22.86
C PHE A 77 7.40 0.60 -22.04
N LYS A 78 8.41 1.46 -22.27
CA LYS A 78 9.69 1.48 -21.51
C LYS A 78 9.93 2.91 -21.02
N SER A 79 11.00 3.11 -20.24
CA SER A 79 11.58 4.45 -19.98
C SER A 79 11.96 5.00 -21.35
N PRO A 80 11.69 6.29 -21.66
CA PRO A 80 11.29 7.29 -20.67
C PRO A 80 9.77 7.52 -20.51
N PHE A 81 8.93 6.62 -21.01
CA PHE A 81 7.45 6.76 -20.94
C PHE A 81 6.98 6.19 -19.60
N LEU A 82 7.40 4.95 -19.31
CA LEU A 82 7.24 4.34 -17.96
C LEU A 82 8.13 5.13 -17.00
N SER A 83 7.53 5.92 -16.14
CA SER A 83 8.21 7.01 -15.40
C SER A 83 8.19 6.74 -13.90
N PRO A 84 9.15 7.30 -13.12
CA PRO A 84 9.20 7.11 -11.68
C PRO A 84 8.12 7.95 -11.00
N PHE A 85 7.37 7.34 -10.06
CA PHE A 85 6.36 8.02 -9.20
C PHE A 85 6.86 8.01 -7.76
N ASN A 86 7.38 9.16 -7.29
CA ASN A 86 7.97 9.32 -5.94
C ASN A 86 6.92 9.98 -5.04
N ASP A 87 7.19 11.20 -4.56
CA ASP A 87 6.23 11.99 -3.73
C ASP A 87 4.88 12.00 -4.45
N GLY A 88 4.87 12.47 -5.70
CA GLY A 88 3.67 12.54 -6.56
C GLY A 88 3.96 13.12 -7.92
N ILE A 89 2.90 13.49 -8.66
CA ILE A 89 2.97 14.21 -9.97
C ILE A 89 1.80 15.19 -10.07
N PHE A 90 2.00 16.25 -10.87
CA PHE A 90 0.97 17.25 -11.25
C PHE A 90 0.76 17.17 -12.76
N ALA A 91 -0.51 17.03 -13.18
CA ALA A 91 -0.92 16.80 -14.59
C ALA A 91 -1.76 17.98 -15.09
N LYS A 92 -1.36 18.55 -16.23
CA LYS A 92 -2.21 19.41 -17.10
C LYS A 92 -2.62 18.57 -18.30
N VAL A 93 -3.85 18.03 -18.28
CA VAL A 93 -4.39 17.07 -19.30
C VAL A 93 -5.36 17.83 -20.20
N LYS A 94 -5.13 17.80 -21.51
CA LYS A 94 -6.02 18.43 -22.51
C LYS A 94 -7.21 17.50 -22.74
N ASN A 95 -8.41 18.05 -22.66
CA ASN A 95 -9.67 17.38 -23.08
C ASN A 95 -9.77 17.53 -24.60
N SER A 96 -9.32 16.52 -25.35
CA SER A 96 -9.31 16.53 -26.84
C SER A 96 -10.75 16.42 -27.33
N ARG A 97 -11.39 17.56 -27.62
CA ARG A 97 -12.78 17.63 -28.15
C ARG A 97 -12.75 17.57 -29.69
N PHE A 98 -12.40 16.42 -30.26
CA PHE A 98 -12.42 16.19 -31.72
C PHE A 98 -13.85 16.28 -32.25
N SER A 99 -14.10 17.11 -33.26
CA SER A 99 -15.43 17.29 -33.91
C SER A 99 -15.52 16.40 -35.16
N LYS A 100 -16.51 15.51 -35.22
CA LYS A 100 -16.73 14.59 -36.37
C LYS A 100 -18.23 14.45 -36.67
N ASP A 101 -18.61 14.74 -37.91
CA ASP A 101 -19.99 14.62 -38.44
C ASP A 101 -20.94 15.40 -37.52
N GLY A 102 -20.53 16.61 -37.14
CA GLY A 102 -21.33 17.58 -36.36
C GLY A 102 -21.11 17.45 -34.86
N VAL A 103 -21.02 16.21 -34.36
CA VAL A 103 -20.91 15.87 -32.91
C VAL A 103 -19.49 16.15 -32.44
N ILE A 104 -19.34 16.69 -31.23
CA ILE A 104 -18.03 16.93 -30.55
C ILE A 104 -17.83 15.87 -29.46
N TYR A 105 -16.59 15.38 -29.30
CA TYR A 105 -16.23 14.24 -28.42
C TYR A 105 -15.36 14.75 -27.26
N SER A 106 -14.84 13.84 -26.44
CA SER A 106 -14.07 14.17 -25.21
C SER A 106 -13.14 13.01 -24.87
N GLU A 107 -12.01 12.94 -25.57
CA GLU A 107 -10.97 11.89 -25.38
C GLU A 107 -9.76 12.50 -24.67
N PHE A 108 -9.16 11.74 -23.76
CA PHE A 108 -7.80 11.99 -23.22
C PHE A 108 -7.25 10.68 -22.68
N PRO A 109 -5.93 10.55 -22.46
CA PRO A 109 -5.35 9.27 -22.08
C PRO A 109 -5.73 8.82 -20.66
N ALA A 110 -5.72 7.50 -20.46
CA ALA A 110 -5.73 6.84 -19.15
C ALA A 110 -4.31 6.88 -18.57
N ILE A 111 -4.22 6.91 -17.24
CA ILE A 111 -2.93 6.82 -16.48
C ILE A 111 -3.07 5.68 -15.48
N THR A 112 -2.05 4.83 -15.38
CA THR A 112 -1.94 3.78 -14.34
C THR A 112 -0.75 4.14 -13.42
N ILE A 113 -0.96 4.03 -12.12
CA ILE A 113 0.08 4.26 -11.07
C ILE A 113 0.17 2.99 -10.22
N GLY A 114 1.35 2.39 -10.13
CA GLY A 114 1.55 1.13 -9.39
C GLY A 114 2.99 0.92 -9.01
N SER A 115 3.31 -0.29 -8.54
CA SER A 115 4.68 -0.75 -8.22
C SER A 115 5.22 -1.54 -9.42
N THR A 116 4.86 -2.83 -9.48
CA THR A 116 5.41 -3.84 -10.42
C THR A 116 4.40 -4.11 -11.55
N PHE A 117 3.15 -3.65 -11.40
CA PHE A 117 2.03 -3.85 -12.36
C PHE A 117 1.81 -5.34 -12.58
N VAL A 118 1.68 -6.09 -11.48
CA VAL A 118 1.42 -7.55 -11.47
C VAL A 118 0.26 -7.81 -10.50
N ASN A 119 -0.41 -8.97 -10.62
CA ASN A 119 -1.61 -9.33 -9.80
C ASN A 119 -1.21 -9.54 -8.33
N SER A 120 0.10 -9.54 -8.00
CA SER A 120 0.63 -9.68 -6.61
C SER A 120 0.65 -8.32 -5.90
N SER A 121 0.62 -7.22 -6.64
CA SER A 121 0.52 -5.83 -6.14
C SER A 121 -0.86 -5.25 -6.48
N HIS A 122 -1.16 -4.05 -6.01
CA HIS A 122 -2.30 -3.21 -6.47
C HIS A 122 -1.79 -2.18 -7.47
N SER A 123 -2.64 -1.82 -8.44
CA SER A 123 -2.38 -0.74 -9.43
C SER A 123 -3.61 0.17 -9.49
N ILE A 124 -3.39 1.47 -9.40
CA ILE A 124 -4.42 2.54 -9.58
C ILE A 124 -4.58 2.78 -11.07
N VAL A 125 -5.81 2.82 -11.57
CA VAL A 125 -6.10 3.14 -13.00
C VAL A 125 -7.15 4.24 -13.04
N VAL A 126 -6.80 5.37 -13.66
CA VAL A 126 -7.69 6.55 -13.83
C VAL A 126 -7.99 6.68 -15.33
N LYS A 127 -9.14 6.16 -15.74
CA LYS A 127 -9.56 6.00 -17.15
C LYS A 127 -10.79 6.85 -17.38
N PRO A 128 -10.80 7.71 -18.44
CA PRO A 128 -12.02 8.43 -18.81
C PRO A 128 -12.93 7.49 -19.59
N HIS A 129 -14.24 7.72 -19.50
CA HIS A 129 -15.27 7.00 -20.29
C HIS A 129 -16.33 8.02 -20.73
N THR A 130 -16.69 7.98 -22.02
CA THR A 130 -17.74 8.84 -22.64
C THR A 130 -18.88 7.96 -23.14
N SER A 131 -20.10 8.50 -23.15
CA SER A 131 -21.30 7.85 -23.74
C SER A 131 -22.37 8.93 -23.94
N PHE A 132 -23.33 8.67 -24.82
CA PHE A 132 -24.46 9.59 -25.12
C PHE A 132 -25.67 9.17 -24.28
N ILE A 133 -26.40 10.14 -23.74
CA ILE A 133 -27.75 9.93 -23.13
C ILE A 133 -28.71 10.89 -23.83
N ASN A 134 -29.38 10.37 -24.86
CA ASN A 134 -30.28 11.15 -25.76
C ASN A 134 -29.44 12.17 -26.53
N GLY A 135 -28.31 11.74 -27.10
CA GLY A 135 -27.44 12.56 -27.96
C GLY A 135 -26.62 13.59 -27.20
N ASN A 136 -26.87 13.76 -25.89
CA ASN A 136 -26.01 14.59 -24.99
C ASN A 136 -24.84 13.74 -24.53
N LEU A 137 -23.61 14.11 -24.89
CA LEU A 137 -22.36 13.36 -24.52
C LEU A 137 -22.07 13.58 -23.04
N GLN A 138 -21.90 12.49 -22.28
CA GLN A 138 -21.62 12.50 -20.83
C GLN A 138 -20.17 12.13 -20.57
N GLY A 139 -19.55 12.77 -19.57
CA GLY A 139 -18.17 12.51 -19.12
C GLY A 139 -18.16 11.75 -17.81
N LEU A 140 -17.48 10.60 -17.79
CA LEU A 140 -17.15 9.82 -16.57
C LEU A 140 -15.63 9.66 -16.49
N LEU A 141 -15.16 9.31 -15.30
CA LEU A 141 -13.73 9.20 -14.94
C LEU A 141 -13.58 7.97 -14.03
N GLN A 142 -13.54 6.78 -14.63
CA GLN A 142 -13.57 5.48 -13.89
C GLN A 142 -12.25 5.29 -13.14
N ILE A 143 -12.23 5.64 -11.85
CA ILE A 143 -11.12 5.32 -10.90
C ILE A 143 -11.33 3.89 -10.43
N SER A 144 -10.25 3.12 -10.30
CA SER A 144 -10.23 1.75 -9.74
C SER A 144 -8.82 1.44 -9.25
N VAL A 145 -8.73 0.71 -8.14
CA VAL A 145 -7.43 0.31 -7.50
C VAL A 145 -7.53 -1.18 -7.15
N CYS A 146 -6.92 -2.04 -7.95
CA CYS A 146 -7.18 -3.51 -7.91
C CYS A 146 -5.90 -4.30 -8.18
N GLN A 147 -5.94 -5.59 -7.85
CA GLN A 147 -4.86 -6.58 -8.13
C GLN A 147 -4.97 -7.03 -9.59
N TYR A 148 -4.82 -6.07 -10.52
CA TYR A 148 -4.93 -6.28 -11.97
C TYR A 148 -3.75 -7.10 -12.48
N THR A 149 -4.03 -8.12 -13.29
CA THR A 149 -3.06 -8.79 -14.19
C THR A 149 -2.92 -7.92 -15.43
N MET A 150 -2.08 -6.89 -15.35
CA MET A 150 -1.88 -5.89 -16.43
C MET A 150 -1.23 -6.60 -17.62
N CYS A 151 -1.53 -6.15 -18.84
CA CYS A 151 -0.88 -6.60 -20.10
C CYS A 151 0.49 -5.95 -20.24
N GLU A 152 1.38 -6.56 -21.02
CA GLU A 152 2.70 -5.98 -21.37
C GLU A 152 2.49 -4.65 -22.10
N TYR A 153 1.43 -4.52 -22.90
CA TYR A 153 1.18 -3.37 -23.82
C TYR A 153 -0.20 -2.77 -23.58
N PRO A 154 -0.45 -2.16 -22.41
CA PRO A 154 -1.77 -1.59 -22.11
C PRO A 154 -2.09 -0.33 -22.93
N HIS A 155 -3.26 -0.33 -23.57
CA HIS A 155 -3.79 0.83 -24.32
C HIS A 155 -5.31 0.94 -24.10
N THR A 156 -5.83 2.17 -24.10
CA THR A 156 -7.27 2.46 -24.26
C THR A 156 -7.56 2.75 -25.73
N ILE A 157 -8.85 2.89 -26.05
CA ILE A 157 -9.37 3.23 -27.41
C ILE A 157 -10.30 4.42 -27.24
N CYS A 158 -10.55 5.17 -28.32
CA CYS A 158 -11.50 6.32 -28.34
C CYS A 158 -12.92 5.75 -28.43
N HIS A 159 -13.93 6.63 -28.35
CA HIS A 159 -15.36 6.29 -28.57
C HIS A 159 -15.48 5.51 -29.88
N PRO A 160 -16.34 4.46 -29.97
CA PRO A 160 -16.41 3.64 -31.17
C PRO A 160 -16.89 4.40 -32.44
N ASN A 161 -17.59 5.53 -32.25
CA ASN A 161 -18.07 6.43 -33.33
C ASN A 161 -16.87 7.06 -34.07
N LEU A 162 -15.74 7.25 -33.39
CA LEU A 162 -14.51 7.85 -33.98
C LEU A 162 -13.69 6.77 -34.70
N GLY A 163 -14.09 5.50 -34.61
CA GLY A 163 -13.47 4.37 -35.33
C GLY A 163 -12.27 3.79 -34.59
N ASN A 164 -12.18 2.46 -34.53
CA ASN A 164 -11.16 1.72 -33.75
C ASN A 164 -10.71 0.47 -34.52
N GLN A 165 -9.41 0.33 -34.76
CA GLN A 165 -8.80 -0.88 -35.36
C GLN A 165 -8.20 -1.76 -34.25
N ARG A 166 -8.41 -1.39 -32.98
CA ARG A 166 -7.98 -2.16 -31.79
C ARG A 166 -9.14 -2.24 -30.80
N ILE A 167 -9.19 -3.33 -30.02
CA ILE A 167 -10.11 -3.50 -28.86
C ILE A 167 -9.37 -2.96 -27.62
N GLU A 168 -10.09 -2.34 -26.68
CA GLU A 168 -9.50 -1.80 -25.43
C GLU A 168 -8.96 -2.98 -24.61
N LEU A 169 -7.69 -2.91 -24.18
CA LEU A 169 -7.00 -4.07 -23.54
C LEU A 169 -5.75 -3.57 -22.79
N TRP A 170 -5.87 -3.49 -21.46
CA TRP A 170 -4.77 -3.09 -20.53
C TRP A 170 -4.59 -4.15 -19.43
N HIS A 171 -5.67 -4.80 -19.00
CA HIS A 171 -5.62 -5.96 -18.08
C HIS A 171 -6.40 -7.13 -18.68
N TYR A 172 -6.04 -8.35 -18.29
CA TYR A 172 -6.78 -9.60 -18.62
C TYR A 172 -7.16 -10.29 -17.32
N ASP A 173 -8.32 -9.87 -16.78
CA ASP A 173 -9.00 -10.48 -15.61
C ASP A 173 -10.51 -10.46 -15.89
N THR A 174 -10.93 -11.02 -17.01
CA THR A 174 -12.37 -11.27 -17.35
C THR A 174 -12.93 -12.23 -16.29
N ASP A 175 -12.06 -12.74 -15.39
CA ASP A 175 -12.40 -13.32 -14.06
C ASP A 175 -12.33 -12.20 -13.01
N VAL A 176 -13.38 -12.03 -12.20
CA VAL A 176 -13.58 -10.86 -11.27
C VAL A 176 -12.54 -10.93 -10.13
N VAL A 177 -11.81 -9.83 -9.94
CA VAL A 177 -10.57 -9.74 -9.08
C VAL A 177 -10.87 -8.95 -7.81
N SER A 178 -9.94 -9.01 -6.85
CA SER A 178 -9.95 -8.28 -5.55
C SER A 178 -9.60 -6.81 -5.77
N CYS A 179 -10.52 -5.89 -5.43
CA CYS A 179 -10.36 -4.42 -5.55
C CYS A 179 -10.47 -3.74 -4.18
N LEU A 180 -9.55 -2.80 -3.89
CA LEU A 180 -9.56 -1.96 -2.66
C LEU A 180 -10.60 -0.84 -2.81
N TYR A 181 -10.87 -0.43 -4.05
CA TYR A 181 -11.59 0.83 -4.36
C TYR A 181 -11.93 0.85 -5.84
N LYS A 182 -13.14 1.31 -6.16
CA LYS A 182 -13.49 1.77 -7.52
C LYS A 182 -14.80 2.55 -7.45
N ARG A 183 -14.78 3.79 -7.95
CA ARG A 183 -16.01 4.56 -8.26
C ARG A 183 -15.71 5.49 -9.45
N ASN A 184 -16.80 5.85 -10.14
CA ASN A 184 -16.82 6.77 -11.30
C ASN A 184 -16.93 8.20 -10.76
N PHE A 185 -16.44 9.18 -11.52
CA PHE A 185 -16.56 10.63 -11.24
C PHE A 185 -16.92 11.35 -12.54
N THR A 186 -17.99 12.16 -12.52
CA THR A 186 -18.42 12.94 -13.71
C THR A 186 -17.47 14.14 -13.86
N TYR A 187 -17.16 14.51 -15.10
CA TYR A 187 -16.39 15.73 -15.46
C TYR A 187 -17.12 16.45 -16.61
N ASP A 188 -16.99 17.78 -16.67
CA ASP A 188 -17.64 18.61 -17.73
C ASP A 188 -16.86 18.40 -19.04
N VAL A 189 -17.53 17.86 -20.07
CA VAL A 189 -16.90 17.52 -21.37
C VAL A 189 -16.56 18.80 -22.15
N ASN A 190 -17.11 19.95 -21.75
CA ASN A 190 -16.83 21.28 -22.35
C ASN A 190 -15.60 21.94 -21.70
N ALA A 191 -14.82 21.19 -20.93
CA ALA A 191 -13.61 21.69 -20.25
C ALA A 191 -12.45 21.72 -21.24
N ASP A 192 -11.68 22.80 -21.23
CA ASP A 192 -10.46 23.01 -22.07
C ASP A 192 -9.37 22.05 -21.57
N TYR A 193 -9.05 22.13 -20.28
CA TYR A 193 -7.99 21.34 -19.61
C TYR A 193 -8.51 20.78 -18.28
N LEU A 194 -8.05 19.57 -17.95
CA LEU A 194 -8.26 18.91 -16.65
C LEU A 194 -6.92 18.94 -15.90
N TYR A 195 -6.95 19.19 -14.59
CA TYR A 195 -5.74 19.23 -13.72
C TYR A 195 -5.86 18.15 -12.63
N PHE A 196 -4.74 17.50 -12.33
CA PHE A 196 -4.63 16.43 -11.31
C PHE A 196 -3.37 16.62 -10.47
N HIS A 197 -3.53 16.48 -9.14
CA HIS A 197 -2.47 16.12 -8.17
C HIS A 197 -2.62 14.63 -7.87
N PHE A 198 -1.55 13.85 -8.01
CA PHE A 198 -1.46 12.46 -7.52
C PHE A 198 -0.20 12.35 -6.66
N TYR A 199 -0.34 12.11 -5.35
CA TYR A 199 0.77 11.98 -4.39
C TYR A 199 0.45 10.93 -3.34
N GLN A 200 1.48 10.47 -2.63
CA GLN A 200 1.38 9.43 -1.57
C GLN A 200 2.14 9.90 -0.33
N GLU A 201 1.65 9.47 0.84
CA GLU A 201 2.26 9.78 2.17
C GLU A 201 1.89 8.67 3.15
N GLY A 202 2.90 8.02 3.75
CA GLY A 202 2.73 7.07 4.87
C GLY A 202 1.84 5.90 4.51
N GLY A 203 1.75 5.58 3.21
CA GLY A 203 1.05 4.40 2.68
C GLY A 203 -0.35 4.73 2.16
N THR A 204 -0.76 5.99 2.24
CA THR A 204 -2.07 6.48 1.72
C THR A 204 -1.83 7.21 0.38
N PHE A 205 -2.66 6.92 -0.62
CA PHE A 205 -2.67 7.62 -1.93
C PHE A 205 -3.70 8.76 -1.89
N TYR A 206 -3.34 9.90 -2.48
CA TYR A 206 -4.19 11.12 -2.56
C TYR A 206 -4.35 11.54 -4.02
N ALA A 207 -5.57 11.98 -4.36
CA ALA A 207 -5.97 12.48 -5.68
C ALA A 207 -6.75 13.79 -5.52
N TYR A 208 -6.27 14.86 -6.15
CA TYR A 208 -7.01 16.12 -6.36
C TYR A 208 -7.27 16.30 -7.86
N PHE A 209 -8.32 17.06 -8.18
CA PHE A 209 -8.86 17.20 -9.55
C PHE A 209 -9.67 18.47 -9.65
N THR A 210 -9.68 19.07 -10.84
CA THR A 210 -10.58 20.18 -11.21
C THR A 210 -10.74 20.21 -12.73
N ASP A 211 -11.95 20.47 -13.19
CA ASP A 211 -12.28 20.74 -14.62
C ASP A 211 -12.73 22.20 -14.77
N THR A 212 -12.57 23.03 -13.73
CA THR A 212 -12.71 24.51 -13.78
C THR A 212 -11.55 25.17 -13.03
N GLY A 213 -10.96 26.23 -13.59
CA GLY A 213 -9.71 26.83 -13.10
C GLY A 213 -8.57 25.82 -13.09
N PHE A 214 -7.41 26.20 -12.54
CA PHE A 214 -6.22 25.33 -12.43
C PHE A 214 -6.08 24.80 -11.00
N VAL A 215 -6.65 25.47 -9.99
CA VAL A 215 -6.51 25.05 -8.56
C VAL A 215 -7.45 23.88 -8.30
N THR A 216 -6.88 22.72 -7.97
CA THR A 216 -7.57 21.41 -7.84
C THR A 216 -8.30 21.34 -6.49
N LYS A 217 -9.46 20.68 -6.46
CA LYS A 217 -10.18 20.30 -5.22
C LYS A 217 -9.90 18.83 -4.93
N PHE A 218 -10.04 18.42 -3.66
CA PHE A 218 -9.81 17.03 -3.19
C PHE A 218 -10.79 16.08 -3.90
N LEU A 219 -10.30 14.94 -4.40
CA LEU A 219 -11.13 13.94 -5.12
C LEU A 219 -11.38 12.73 -4.21
N PHE A 220 -10.34 11.96 -3.88
CA PHE A 220 -10.41 10.80 -2.95
C PHE A 220 -9.04 10.53 -2.33
N LYS A 221 -9.02 9.73 -1.26
CA LYS A 221 -7.80 9.15 -0.65
C LYS A 221 -8.06 7.67 -0.39
N LEU A 222 -6.99 6.87 -0.30
CA LEU A 222 -7.08 5.40 -0.12
C LEU A 222 -5.80 4.89 0.56
N TYR A 223 -5.92 4.23 1.71
CA TYR A 223 -4.79 3.55 2.40
C TYR A 223 -4.42 2.29 1.61
N LEU A 224 -3.25 2.30 0.97
CA LEU A 224 -2.66 1.12 0.31
C LEU A 224 -1.85 0.33 1.34
N GLY A 225 -1.01 1.03 2.11
CA GLY A 225 -0.07 0.42 3.07
C GLY A 225 1.23 0.05 2.41
N THR A 226 1.21 -0.01 1.07
CA THR A 226 2.39 -0.25 0.19
C THR A 226 2.89 1.12 -0.29
N VAL A 227 3.97 1.13 -1.07
CA VAL A 227 4.63 2.37 -1.61
C VAL A 227 4.65 2.32 -3.15
N LEU A 228 4.01 3.29 -3.81
CA LEU A 228 3.91 3.37 -5.29
C LEU A 228 5.25 3.86 -5.85
N SER A 229 5.71 3.28 -6.97
CA SER A 229 7.08 3.50 -7.51
C SER A 229 7.09 3.90 -9.00
N HIS A 230 5.97 3.83 -9.72
CA HIS A 230 5.89 4.09 -11.19
C HIS A 230 4.52 4.61 -11.62
N TYR A 231 4.48 5.42 -12.68
CA TYR A 231 3.26 5.78 -13.46
C TYR A 231 3.54 5.59 -14.95
N TYR A 232 2.47 5.26 -15.69
CA TYR A 232 2.46 5.14 -17.16
C TYR A 232 1.17 5.74 -17.72
N VAL A 233 1.28 6.84 -18.46
CA VAL A 233 0.18 7.36 -19.31
C VAL A 233 0.07 6.42 -20.52
N MET A 234 -1.03 5.67 -20.60
CA MET A 234 -1.24 4.63 -21.62
C MET A 234 -1.45 5.29 -22.98
N PRO A 235 -0.95 4.66 -24.07
CA PRO A 235 -1.30 5.10 -25.41
C PRO A 235 -2.80 4.89 -25.64
N LEU A 236 -3.42 5.82 -26.37
CA LEU A 236 -4.83 5.77 -26.81
C LEU A 236 -4.81 5.64 -28.33
N THR A 237 -5.35 4.53 -28.85
CA THR A 237 -5.43 4.22 -30.30
C THR A 237 -6.79 4.71 -30.84
N CYS A 238 -6.80 5.29 -32.04
CA CYS A 238 -8.00 5.89 -32.69
C CYS A 238 -7.79 6.01 -34.20
N ASP A 239 -8.85 5.85 -34.99
CA ASP A 239 -8.83 6.07 -36.47
C ASP A 239 -8.83 7.59 -36.74
N SER A 240 -9.64 8.35 -36.01
CA SER A 240 -9.71 9.83 -36.09
C SER A 240 -8.38 10.43 -35.63
N ALA A 241 -8.03 11.62 -36.13
CA ALA A 241 -6.73 12.30 -35.95
C ALA A 241 -6.76 13.18 -34.70
N LEU A 242 -6.92 12.58 -33.52
CA LEU A 242 -6.98 13.29 -32.21
C LEU A 242 -5.62 13.96 -31.94
N SER A 243 -5.63 15.02 -31.16
CA SER A 243 -4.42 15.75 -30.68
C SER A 243 -4.35 15.67 -29.16
N LEU A 244 -3.63 14.65 -28.65
CA LEU A 244 -3.60 14.29 -27.21
C LEU A 244 -2.49 15.07 -26.49
N GLU A 245 -2.77 15.52 -25.26
CA GLU A 245 -1.78 16.13 -24.33
C GLU A 245 -2.04 15.65 -22.90
N TYR A 246 -1.05 14.99 -22.29
CA TYR A 246 -0.96 14.68 -20.85
C TYR A 246 0.36 15.25 -20.33
N TRP A 247 0.35 16.51 -19.89
CA TRP A 247 1.54 17.26 -19.38
C TRP A 247 1.77 16.92 -17.90
N VAL A 248 2.95 16.38 -17.58
CA VAL A 248 3.32 15.90 -16.22
C VAL A 248 4.62 16.59 -15.79
N THR A 249 4.61 17.14 -14.58
CA THR A 249 5.81 17.60 -13.83
C THR A 249 5.72 16.95 -12.45
N PRO A 250 6.85 16.54 -11.82
CA PRO A 250 6.80 15.85 -10.53
C PRO A 250 6.53 16.80 -9.36
N LEU A 251 6.07 16.25 -8.23
CA LEU A 251 5.86 16.97 -6.95
C LEU A 251 6.98 16.59 -5.98
N THR A 252 7.45 17.55 -5.17
CA THR A 252 8.17 17.30 -3.91
C THR A 252 7.45 18.04 -2.78
N THR A 253 7.71 17.60 -1.55
CA THR A 253 7.20 18.21 -0.31
C THR A 253 7.89 19.58 -0.16
N ARG A 254 7.11 20.65 -0.16
CA ARG A 254 7.59 22.05 -0.09
C ARG A 254 6.61 22.88 0.74
N GLN A 255 7.10 23.97 1.32
CA GLN A 255 6.28 24.99 2.01
C GLN A 255 5.93 26.08 1.00
N PHE A 256 4.65 26.40 0.85
CA PHE A 256 4.11 27.45 -0.04
C PHE A 256 3.38 28.49 0.82
N LEU A 257 3.47 29.76 0.46
CA LEU A 257 2.62 30.84 1.03
C LEU A 257 1.45 31.09 0.06
N LEU A 258 0.22 30.75 0.49
CA LEU A 258 -1.04 30.86 -0.30
C LEU A 258 -1.79 32.14 0.09
N ALA A 259 -2.75 32.57 -0.74
CA ALA A 259 -3.53 33.81 -0.58
C ALA A 259 -4.95 33.63 -1.14
N PHE A 260 -5.96 34.16 -0.44
CA PHE A 260 -7.41 33.89 -0.71
C PHE A 260 -8.21 35.20 -0.84
N ASP A 261 -9.09 35.31 -1.84
CA ASP A 261 -10.14 36.36 -1.98
C ASP A 261 -11.03 36.37 -0.73
N GLN A 262 -11.98 37.31 -0.64
CA GLN A 262 -13.07 37.25 0.37
C GLN A 262 -14.04 36.13 -0.04
N ASP A 263 -14.06 35.77 -1.33
CA ASP A 263 -14.85 34.64 -1.88
C ASP A 263 -14.04 33.34 -1.85
N GLY A 264 -12.99 33.27 -1.02
CA GLY A 264 -12.25 32.02 -0.70
C GLY A 264 -11.50 31.46 -1.89
N VAL A 265 -11.21 32.27 -2.90
CA VAL A 265 -10.50 31.85 -4.14
C VAL A 265 -9.00 31.99 -3.92
N LEU A 266 -8.26 30.88 -3.98
CA LEU A 266 -6.78 30.88 -4.02
C LEU A 266 -6.34 31.59 -5.30
N TYR A 267 -5.80 32.80 -5.19
CA TYR A 267 -5.55 33.70 -6.34
C TYR A 267 -4.05 34.01 -6.51
N HIS A 268 -3.21 33.62 -5.57
CA HIS A 268 -1.76 33.96 -5.54
C HIS A 268 -1.02 32.94 -4.65
N ALA A 269 0.22 32.60 -5.00
CA ALA A 269 1.09 31.71 -4.20
C ALA A 269 2.57 32.08 -4.36
N VAL A 270 3.39 31.73 -3.36
CA VAL A 270 4.88 31.87 -3.37
C VAL A 270 5.47 30.48 -3.14
N ASP A 271 6.24 29.97 -4.11
CA ASP A 271 7.15 28.81 -3.91
C ASP A 271 8.24 29.31 -2.96
N CYS A 272 8.14 28.86 -1.71
CA CYS A 272 8.83 29.46 -0.56
C CYS A 272 10.30 29.04 -0.57
N ALA A 273 10.60 27.87 -1.13
CA ALA A 273 11.94 27.26 -1.21
C ALA A 273 12.59 27.51 -2.58
N SER A 274 12.05 28.44 -3.38
CA SER A 274 12.49 28.74 -4.76
C SER A 274 13.59 29.80 -4.75
N ASP A 275 13.69 30.58 -3.67
CA ASP A 275 14.27 31.95 -3.74
C ASP A 275 14.66 32.43 -2.33
N PHE A 276 15.77 33.16 -2.21
CA PHE A 276 16.21 33.78 -0.95
C PHE A 276 15.21 34.87 -0.55
N MET A 277 14.60 35.54 -1.53
CA MET A 277 13.50 36.53 -1.32
C MET A 277 12.28 35.81 -0.74
N SER A 278 11.91 34.69 -1.36
CA SER A 278 10.69 33.88 -1.04
C SER A 278 10.79 33.34 0.38
N GLU A 279 11.94 32.73 0.72
CA GLU A 279 12.24 32.18 2.07
C GLU A 279 12.01 33.29 3.10
N ILE A 280 12.72 34.42 2.96
CA ILE A 280 12.57 35.64 3.79
C ILE A 280 11.08 36.00 3.89
N MET A 281 10.38 36.02 2.75
CA MET A 281 8.98 36.49 2.60
C MET A 281 8.01 35.65 3.45
N CYS A 282 8.30 34.35 3.64
CA CYS A 282 7.43 33.41 4.40
C CYS A 282 7.76 33.48 5.89
N LYS A 283 9.02 33.18 6.25
CA LYS A 283 9.52 32.99 7.64
C LYS A 283 9.05 34.17 8.49
N THR A 284 9.14 35.39 7.93
CA THR A 284 8.37 36.59 8.37
C THR A 284 6.87 36.30 8.21
N SER A 285 6.36 35.49 9.14
CA SER A 285 4.94 35.25 9.47
C SER A 285 4.94 34.73 10.91
N SER A 286 5.10 35.66 11.88
CA SER A 286 5.23 35.39 13.32
C SER A 286 5.26 36.68 14.14
N ASP A 287 4.44 37.68 13.77
CA ASP A 287 3.91 38.78 14.64
C ASP A 287 4.84 40.01 14.70
N PRO A 288 5.03 40.72 13.55
CA PRO A 288 5.82 41.94 13.46
C PRO A 288 4.96 43.21 13.39
N VAL B 1 -12.96 -1.13 16.49
CA VAL B 1 -13.61 -2.27 17.19
C VAL B 1 -13.05 -3.57 16.63
N ILE B 2 -12.68 -4.53 17.49
CA ILE B 2 -12.24 -5.90 17.09
C ILE B 2 -13.37 -6.88 17.41
N GLY B 3 -13.61 -7.14 18.70
CA GLY B 3 -14.77 -7.89 19.18
C GLY B 3 -16.03 -7.05 19.08
N ASP B 4 -17.06 -7.35 19.86
CA ASP B 4 -18.29 -6.53 19.97
C ASP B 4 -18.86 -6.75 21.38
N LEU B 5 -18.00 -6.56 22.39
CA LEU B 5 -18.38 -6.60 23.83
C LEU B 5 -17.73 -5.42 24.53
N LYS B 6 -18.52 -4.47 25.03
CA LYS B 6 -18.03 -3.28 25.78
C LYS B 6 -17.54 -3.77 27.16
N CYS B 7 -16.26 -4.12 27.27
CA CYS B 7 -15.59 -4.63 28.50
C CYS B 7 -15.22 -3.43 29.39
N ASN B 8 -14.01 -3.45 29.98
CA ASN B 8 -13.43 -2.33 30.81
C ASN B 8 -13.14 -1.05 29.96
N THR B 9 -14.30 -0.33 29.72
CA THR B 9 -14.42 0.75 28.71
C THR B 9 -14.02 2.09 29.32
N SER B 10 -12.82 2.17 29.94
CA SER B 10 -12.31 3.35 30.69
C SER B 10 -10.92 3.74 30.19
N SER B 11 -10.62 5.05 30.20
CA SER B 11 -9.34 5.65 29.74
C SER B 11 -9.16 5.36 28.24
N ILE B 12 -10.18 5.68 27.44
CA ILE B 12 -10.18 5.53 25.95
C ILE B 12 -10.55 6.87 25.33
N ASN B 13 -9.72 7.39 24.42
CA ASN B 13 -10.02 8.63 23.64
C ASN B 13 -10.01 8.26 22.15
N ASP B 14 -10.14 9.24 21.26
CA ASP B 14 -10.27 9.05 19.80
C ASP B 14 -9.10 9.75 19.10
N VAL B 15 -7.92 9.66 19.67
CA VAL B 15 -6.73 10.48 19.31
C VAL B 15 -6.03 9.82 18.12
N ASP B 16 -5.82 10.59 17.04
CA ASP B 16 -5.03 10.21 15.83
C ASP B 16 -3.55 10.21 16.22
N THR B 17 -2.93 9.02 16.30
CA THR B 17 -1.50 8.82 16.66
C THR B 17 -0.71 8.42 15.41
N GLY B 18 -1.27 8.70 14.23
CA GLY B 18 -0.65 8.36 12.94
C GLY B 18 -0.93 6.93 12.54
N VAL B 19 -0.07 6.38 11.69
CA VAL B 19 -0.38 5.23 10.79
C VAL B 19 0.82 4.28 10.81
N PRO B 20 0.65 2.95 10.72
CA PRO B 20 1.76 2.01 10.79
C PRO B 20 2.95 2.39 9.90
N SER B 21 4.14 2.53 10.50
CA SER B 21 5.40 2.90 9.82
C SER B 21 5.73 1.91 8.70
N ILE B 22 6.09 2.41 7.51
CA ILE B 22 6.55 1.62 6.32
C ILE B 22 8.08 1.47 6.42
N SER B 23 8.59 0.26 6.28
CA SER B 23 10.05 -0.05 6.37
C SER B 23 10.76 0.55 5.15
N SER B 24 12.00 1.01 5.34
CA SER B 24 12.91 1.44 4.24
C SER B 24 13.54 0.19 3.61
N GLU B 25 13.77 -0.87 4.41
CA GLU B 25 14.23 -2.19 3.91
C GLU B 25 13.05 -2.96 3.35
N VAL B 26 13.26 -3.65 2.22
CA VAL B 26 12.24 -4.45 1.49
C VAL B 26 12.53 -5.92 1.76
N VAL B 27 11.61 -6.81 1.38
CA VAL B 27 11.81 -8.28 1.41
C VAL B 27 12.98 -8.58 0.47
N ASP B 28 14.02 -9.21 1.01
CA ASP B 28 15.13 -9.81 0.24
C ASP B 28 15.39 -11.20 0.84
N VAL B 29 15.35 -12.24 0.01
CA VAL B 29 15.34 -13.65 0.49
C VAL B 29 16.70 -14.31 0.19
N THR B 30 17.66 -13.53 -0.32
CA THR B 30 18.90 -14.04 -0.98
C THR B 30 19.70 -14.95 -0.03
N ASN B 31 19.39 -14.97 1.26
CA ASN B 31 19.91 -16.02 2.18
C ASN B 31 18.92 -16.28 3.31
N GLY B 32 17.66 -16.57 2.97
CA GLY B 32 16.73 -17.31 3.84
C GLY B 32 15.51 -16.50 4.27
N LEU B 33 15.66 -15.19 4.47
CA LEU B 33 14.57 -14.37 5.08
C LEU B 33 13.29 -14.55 4.25
N GLY B 34 12.24 -15.12 4.84
CA GLY B 34 10.92 -15.29 4.19
C GLY B 34 10.66 -16.75 3.82
N THR B 35 11.67 -17.62 3.94
CA THR B 35 11.58 -19.08 3.63
C THR B 35 11.26 -19.85 4.92
N PHE B 36 10.87 -21.12 4.79
CA PHE B 36 10.55 -22.04 5.92
C PHE B 36 11.13 -23.43 5.62
N TYR B 37 11.17 -24.30 6.62
CA TYR B 37 11.58 -25.73 6.48
C TYR B 37 10.36 -26.59 6.19
N VAL B 38 10.57 -27.70 5.49
CA VAL B 38 9.51 -28.68 5.10
C VAL B 38 9.21 -29.56 6.31
N LEU B 39 7.94 -29.75 6.67
CA LEU B 39 7.54 -30.63 7.83
C LEU B 39 7.93 -32.08 7.54
N ASP B 40 8.64 -32.71 8.49
CA ASP B 40 9.02 -34.15 8.51
C ASP B 40 9.80 -34.51 7.24
N ARG B 41 10.65 -33.60 6.75
CA ARG B 41 11.48 -33.75 5.53
C ARG B 41 12.71 -32.84 5.63
N VAL B 42 13.91 -33.39 5.40
CA VAL B 42 15.21 -32.70 5.65
C VAL B 42 16.15 -32.96 4.47
N TYR B 43 16.43 -31.91 3.69
CA TYR B 43 17.23 -31.96 2.44
C TYR B 43 18.68 -31.59 2.76
N LEU B 44 19.64 -32.38 2.28
CA LEU B 44 21.09 -32.21 2.56
C LEU B 44 21.84 -32.00 1.23
N ASN B 45 22.74 -31.02 1.20
CA ASN B 45 23.67 -30.74 0.07
C ASN B 45 22.92 -30.88 -1.24
N THR B 46 21.93 -30.00 -1.46
CA THR B 46 21.02 -30.03 -2.64
C THR B 46 20.24 -28.72 -2.71
N THR B 47 19.82 -28.33 -3.91
CA THR B 47 18.81 -27.26 -4.15
C THR B 47 17.46 -27.93 -4.40
N LEU B 48 16.38 -27.14 -4.46
CA LEU B 48 15.00 -27.65 -4.59
C LEU B 48 14.08 -26.50 -5.01
N LEU B 49 13.68 -26.45 -6.27
CA LEU B 49 12.60 -25.57 -6.76
C LEU B 49 11.31 -26.00 -6.05
N LEU B 50 10.52 -25.05 -5.52
CA LEU B 50 9.34 -25.36 -4.65
C LEU B 50 8.32 -24.22 -4.70
N ASN B 51 7.06 -24.56 -5.00
CA ASN B 51 5.89 -23.64 -4.82
C ASN B 51 5.52 -23.59 -3.33
N GLY B 52 4.94 -22.48 -2.88
CA GLY B 52 4.61 -22.26 -1.46
C GLY B 52 4.22 -20.82 -1.17
N TYR B 53 3.83 -20.53 0.06
CA TYR B 53 3.40 -19.18 0.51
C TYR B 53 4.63 -18.41 1.02
N TYR B 54 5.17 -17.57 0.14
CA TYR B 54 6.40 -16.79 0.36
C TYR B 54 6.05 -15.30 0.26
N PRO B 55 6.84 -14.44 0.92
CA PRO B 55 6.68 -13.00 0.77
C PRO B 55 7.21 -12.57 -0.61
N ILE B 56 6.75 -11.43 -1.11
CA ILE B 56 7.08 -10.91 -2.47
C ILE B 56 8.34 -10.03 -2.36
N SER B 57 9.42 -10.40 -3.04
CA SER B 57 10.68 -9.62 -3.09
C SER B 57 10.38 -8.19 -3.54
N GLY B 58 10.98 -7.21 -2.85
CA GLY B 58 10.82 -5.78 -3.17
C GLY B 58 9.68 -5.14 -2.39
N ALA B 59 8.84 -5.96 -1.75
CA ALA B 59 7.72 -5.52 -0.88
C ALA B 59 8.27 -5.01 0.44
N THR B 60 7.66 -3.94 0.97
CA THR B 60 8.03 -3.35 2.27
C THR B 60 7.26 -4.09 3.38
N PHE B 61 7.73 -3.92 4.62
CA PHE B 61 7.05 -4.36 5.87
C PHE B 61 6.32 -3.16 6.49
N ARG B 62 5.42 -3.43 7.44
CA ARG B 62 4.69 -2.41 8.23
C ARG B 62 4.81 -2.73 9.73
N ASN B 63 5.16 -1.73 10.54
CA ASN B 63 5.28 -1.87 12.00
C ASN B 63 3.89 -1.72 12.64
N MET B 64 3.24 -2.84 12.92
CA MET B 64 1.85 -2.91 13.46
C MET B 64 1.86 -2.80 14.98
N ALA B 65 3.04 -2.67 15.59
CA ALA B 65 3.23 -2.50 17.04
C ALA B 65 2.53 -1.21 17.49
N LEU B 66 1.76 -1.30 18.58
CA LEU B 66 1.12 -0.17 19.27
C LEU B 66 1.49 -0.24 20.74
N LYS B 67 2.01 0.86 21.28
CA LYS B 67 2.50 0.96 22.68
C LYS B 67 1.65 2.01 23.40
N GLY B 68 1.01 1.62 24.49
CA GLY B 68 0.19 2.51 25.35
C GLY B 68 0.77 2.62 26.75
N THR B 69 0.20 3.49 27.59
CA THR B 69 0.53 3.62 29.02
C THR B 69 -0.75 3.43 29.84
N ARG B 70 -1.68 4.37 29.73
CA ARG B 70 -3.04 4.23 30.31
C ARG B 70 -4.08 4.49 29.21
N LEU B 71 -3.90 5.52 28.39
CA LEU B 71 -4.85 5.85 27.29
C LEU B 71 -4.72 4.85 26.14
N LEU B 72 -5.87 4.42 25.61
CA LEU B 72 -6.00 3.71 24.30
C LEU B 72 -6.83 4.59 23.37
N SER B 73 -6.49 4.62 22.08
CA SER B 73 -7.27 5.29 21.02
C SER B 73 -8.23 4.28 20.38
N THR B 74 -9.46 4.69 20.11
CA THR B 74 -10.45 3.87 19.37
C THR B 74 -9.95 3.63 17.95
N LEU B 75 -9.14 4.57 17.41
CA LEU B 75 -8.55 4.52 16.04
C LEU B 75 -7.48 3.43 15.95
N TRP B 76 -6.99 2.93 17.10
CA TRP B 76 -5.99 1.84 17.14
C TRP B 76 -6.63 0.51 16.73
N PHE B 77 -7.96 0.39 16.82
CA PHE B 77 -8.72 -0.87 16.65
C PHE B 77 -9.56 -0.81 15.37
N LYS B 78 -9.12 -0.02 14.39
CA LYS B 78 -9.72 0.11 13.03
C LYS B 78 -8.63 -0.09 11.98
N SER B 79 -9.00 -0.10 10.71
CA SER B 79 -8.06 0.09 9.58
C SER B 79 -7.40 1.44 9.80
N PRO B 80 -6.07 1.58 9.63
CA PRO B 80 -5.23 0.58 8.96
C PRO B 80 -4.53 -0.46 9.84
N PHE B 81 -4.91 -0.57 11.12
CA PHE B 81 -4.25 -1.49 12.09
C PHE B 81 -4.91 -2.86 11.98
N LEU B 82 -6.25 -2.88 12.08
CA LEU B 82 -7.06 -4.07 11.76
C LEU B 82 -6.91 -4.33 10.26
N SER B 83 -6.18 -5.38 9.91
CA SER B 83 -5.64 -5.59 8.53
C SER B 83 -6.26 -6.82 7.90
N PRO B 84 -6.31 -6.90 6.55
CA PRO B 84 -6.83 -8.07 5.86
C PRO B 84 -5.82 -9.22 5.91
N PHE B 85 -6.27 -10.43 6.27
CA PHE B 85 -5.47 -11.69 6.27
C PHE B 85 -5.96 -12.60 5.14
N ASN B 86 -5.21 -12.66 4.04
CA ASN B 86 -5.58 -13.40 2.80
C ASN B 86 -4.82 -14.73 2.80
N ASP B 87 -3.93 -14.95 1.81
CA ASP B 87 -3.08 -16.18 1.73
C ASP B 87 -2.41 -16.37 3.10
N GLY B 88 -1.68 -15.36 3.57
CA GLY B 88 -0.98 -15.37 4.86
C GLY B 88 -0.21 -14.08 5.10
N ILE B 89 0.65 -14.07 6.11
CA ILE B 89 1.58 -12.96 6.44
C ILE B 89 2.90 -13.53 6.95
N PHE B 90 3.97 -12.77 6.77
CA PHE B 90 5.31 -13.03 7.32
C PHE B 90 5.65 -11.91 8.30
N ALA B 91 6.06 -12.27 9.52
CA ALA B 91 6.36 -11.34 10.64
C ALA B 91 7.85 -11.39 10.98
N LYS B 92 8.49 -10.21 11.01
CA LYS B 92 9.77 -9.96 11.70
C LYS B 92 9.43 -9.20 13.00
N VAL B 93 9.37 -9.91 14.14
CA VAL B 93 8.94 -9.38 15.47
C VAL B 93 10.19 -9.16 16.32
N LYS B 94 10.38 -7.94 16.83
CA LYS B 94 11.51 -7.60 17.72
C LYS B 94 11.17 -8.11 19.12
N ASN B 95 12.09 -8.86 19.72
CA ASN B 95 12.05 -9.24 21.15
C ASN B 95 12.57 -8.03 21.94
N SER B 96 11.68 -7.17 22.43
CA SER B 96 12.04 -5.94 23.18
C SER B 96 12.60 -6.34 24.54
N ARG B 97 13.92 -6.44 24.64
CA ARG B 97 14.66 -6.78 25.89
C ARG B 97 14.96 -5.49 26.67
N PHE B 98 13.92 -4.83 27.19
CA PHE B 98 14.04 -3.60 27.99
C PHE B 98 14.77 -3.94 29.29
N SER B 99 15.84 -3.21 29.58
CA SER B 99 16.68 -3.36 30.79
C SER B 99 16.22 -2.35 31.84
N LYS B 100 15.82 -2.81 33.03
CA LYS B 100 15.43 -1.94 34.16
C LYS B 100 16.04 -2.47 35.46
N ASP B 101 16.77 -1.60 36.17
CA ASP B 101 17.42 -1.91 37.48
C ASP B 101 18.29 -3.16 37.31
N GLY B 102 18.99 -3.29 36.18
CA GLY B 102 19.94 -4.39 35.93
C GLY B 102 19.31 -5.60 35.25
N VAL B 103 18.06 -5.93 35.58
CA VAL B 103 17.31 -7.10 35.02
C VAL B 103 16.86 -6.76 33.59
N ILE B 104 16.99 -7.73 32.67
CA ILE B 104 16.55 -7.62 31.25
C ILE B 104 15.28 -8.45 31.07
N TYR B 105 14.33 -7.94 30.29
CA TYR B 105 12.96 -8.53 30.10
C TYR B 105 12.83 -9.00 28.65
N SER B 106 11.61 -9.42 28.26
CA SER B 106 11.32 -9.99 26.92
C SER B 106 9.84 -9.77 26.57
N GLU B 107 9.52 -8.56 26.11
CA GLU B 107 8.15 -8.18 25.70
C GLU B 107 8.09 -8.07 24.18
N PHE B 108 6.97 -8.50 23.60
CA PHE B 108 6.56 -8.18 22.21
C PHE B 108 5.05 -8.35 22.10
N PRO B 109 4.40 -7.77 21.08
CA PRO B 109 2.94 -7.79 20.99
C PRO B 109 2.36 -9.18 20.73
N ALA B 110 1.12 -9.35 21.17
CA ALA B 110 0.22 -10.46 20.80
C ALA B 110 -0.39 -10.12 19.45
N ILE B 111 -0.71 -11.15 18.67
CA ILE B 111 -1.44 -11.05 17.38
C ILE B 111 -2.65 -11.98 17.46
N THR B 112 -3.81 -11.49 17.03
CA THR B 112 -5.04 -12.31 16.85
C THR B 112 -5.37 -12.37 15.37
N ILE B 113 -5.70 -13.57 14.88
CA ILE B 113 -6.12 -13.83 13.47
C ILE B 113 -7.49 -14.52 13.53
N GLY B 114 -8.50 -13.94 12.88
CA GLY B 114 -9.87 -14.47 12.90
C GLY B 114 -10.68 -13.96 11.72
N SER B 115 -11.99 -14.21 11.75
CA SER B 115 -12.99 -13.70 10.79
C SER B 115 -13.62 -12.44 11.37
N THR B 116 -14.64 -12.63 12.22
CA THR B 116 -15.54 -11.58 12.77
C THR B 116 -15.14 -11.23 14.21
N PHE B 117 -14.29 -12.05 14.85
CA PHE B 117 -13.84 -11.90 16.26
C PHE B 117 -15.04 -11.87 17.20
N VAL B 118 -15.93 -12.86 17.05
CA VAL B 118 -17.14 -13.05 17.90
C VAL B 118 -17.16 -14.52 18.33
N ASN B 119 -17.92 -14.85 19.38
CA ASN B 119 -17.98 -16.20 20.00
C ASN B 119 -18.65 -17.20 19.04
N SER B 120 -19.23 -16.74 17.93
CA SER B 120 -19.86 -17.58 16.87
C SER B 120 -18.83 -18.11 15.88
N SER B 121 -17.65 -17.47 15.81
CA SER B 121 -16.48 -17.92 15.01
C SER B 121 -15.37 -18.40 15.96
N HIS B 122 -14.28 -18.92 15.40
CA HIS B 122 -13.00 -19.19 16.11
C HIS B 122 -12.04 -18.04 15.82
N SER B 123 -11.17 -17.71 16.78
CA SER B 123 -10.09 -16.72 16.64
C SER B 123 -8.79 -17.33 17.17
N ILE B 124 -7.72 -17.26 16.38
CA ILE B 124 -6.34 -17.67 16.75
C ILE B 124 -5.73 -16.52 17.53
N VAL B 125 -5.11 -16.81 18.68
CA VAL B 125 -4.37 -15.80 19.49
C VAL B 125 -2.98 -16.34 19.78
N VAL B 126 -1.94 -15.60 19.39
CA VAL B 126 -0.52 -15.95 19.66
C VAL B 126 0.05 -14.88 20.59
N LYS B 127 0.11 -15.20 21.88
CA LYS B 127 0.47 -14.28 22.98
C LYS B 127 1.75 -14.79 23.64
N PRO B 128 2.78 -13.93 23.83
CA PRO B 128 3.94 -14.32 24.63
C PRO B 128 3.59 -14.19 26.11
N HIS B 129 4.25 -14.99 26.95
CA HIS B 129 4.20 -14.90 28.43
C HIS B 129 5.61 -15.10 29.00
N THR B 130 6.03 -14.25 29.92
CA THR B 130 7.35 -14.31 30.62
C THR B 130 7.12 -14.54 32.11
N SER B 131 8.09 -15.15 32.79
CA SER B 131 8.17 -15.25 34.26
C SER B 131 9.61 -15.57 34.66
N PHE B 132 9.98 -15.22 35.89
CA PHE B 132 11.33 -15.51 36.46
C PHE B 132 11.25 -16.75 37.34
N ILE B 133 12.32 -17.54 37.37
CA ILE B 133 12.55 -18.62 38.38
C ILE B 133 13.94 -18.38 38.97
N ASN B 134 14.01 -17.61 40.07
CA ASN B 134 15.28 -17.20 40.73
C ASN B 134 16.06 -16.30 39.77
N GLY B 135 15.39 -15.29 39.20
CA GLY B 135 16.04 -14.29 38.34
C GLY B 135 16.34 -14.81 36.93
N ASN B 136 16.17 -16.11 36.66
CA ASN B 136 16.27 -16.69 35.29
C ASN B 136 14.94 -16.51 34.57
N LEU B 137 14.92 -15.66 33.53
CA LEU B 137 13.71 -15.31 32.74
C LEU B 137 13.36 -16.49 31.84
N GLN B 138 12.09 -16.92 31.89
CA GLN B 138 11.54 -18.02 31.06
C GLN B 138 10.64 -17.39 29.99
N GLY B 139 10.77 -17.86 28.74
CA GLY B 139 9.92 -17.45 27.60
C GLY B 139 8.91 -18.53 27.25
N LEU B 140 7.62 -18.19 27.25
CA LEU B 140 6.50 -19.02 26.73
C LEU B 140 5.78 -18.25 25.63
N LEU B 141 5.02 -18.97 24.82
CA LEU B 141 4.34 -18.44 23.61
C LEU B 141 2.97 -19.12 23.53
N GLN B 142 1.99 -18.61 24.30
CA GLN B 142 0.67 -19.27 24.48
C GLN B 142 -0.14 -19.14 23.19
N ILE B 143 -0.13 -20.18 22.36
CA ILE B 143 -1.01 -20.33 21.17
C ILE B 143 -2.36 -20.87 21.67
N SER B 144 -3.46 -20.37 21.13
CA SER B 144 -4.84 -20.85 21.40
C SER B 144 -5.77 -20.47 20.25
N VAL B 145 -6.72 -21.35 19.94
CA VAL B 145 -7.71 -21.17 18.83
C VAL B 145 -9.09 -21.55 19.38
N CYS B 146 -9.91 -20.56 19.73
CA CYS B 146 -11.11 -20.74 20.56
C CYS B 146 -12.24 -19.83 20.11
N GLN B 147 -13.46 -20.15 20.54
CA GLN B 147 -14.69 -19.34 20.32
C GLN B 147 -14.70 -18.21 21.35
N TYR B 148 -13.70 -17.33 21.30
CA TYR B 148 -13.51 -16.20 22.24
C TYR B 148 -14.58 -15.14 21.99
N THR B 149 -15.20 -14.65 23.07
CA THR B 149 -15.96 -13.37 23.11
C THR B 149 -14.93 -12.24 23.29
N MET B 150 -14.33 -11.81 22.17
CA MET B 150 -13.27 -10.79 22.14
C MET B 150 -13.89 -9.45 22.58
N CYS B 151 -13.09 -8.60 23.24
CA CYS B 151 -13.46 -7.21 23.62
C CYS B 151 -13.35 -6.32 22.39
N GLU B 152 -14.05 -5.19 22.39
CA GLU B 152 -13.94 -4.15 21.34
C GLU B 152 -12.51 -3.64 21.27
N TYR B 153 -11.80 -3.56 22.42
CA TYR B 153 -10.48 -2.90 22.55
C TYR B 153 -9.48 -3.86 23.19
N PRO B 154 -9.08 -4.96 22.50
CA PRO B 154 -8.15 -5.94 23.07
C PRO B 154 -6.72 -5.42 23.18
N HIS B 155 -6.13 -5.54 24.37
CA HIS B 155 -4.71 -5.19 24.66
C HIS B 155 -4.12 -6.19 25.64
N THR B 156 -2.82 -6.45 25.50
CA THR B 156 -1.98 -7.13 26.52
C THR B 156 -1.29 -6.06 27.37
N ILE B 157 -0.60 -6.51 28.42
CA ILE B 157 0.23 -5.69 29.34
C ILE B 157 1.61 -6.33 29.43
N CYS B 158 2.63 -5.58 29.82
CA CYS B 158 4.02 -6.08 30.04
C CYS B 158 4.07 -6.82 31.39
N HIS B 159 5.22 -7.45 31.69
CA HIS B 159 5.51 -8.08 33.00
C HIS B 159 5.17 -7.08 34.11
N PRO B 160 4.59 -7.52 35.26
CA PRO B 160 4.15 -6.58 36.29
C PRO B 160 5.30 -5.76 36.92
N ASN B 161 6.54 -6.27 36.85
CA ASN B 161 7.77 -5.62 37.36
C ASN B 161 8.05 -4.33 36.56
N LEU B 162 7.63 -4.27 35.29
CA LEU B 162 7.83 -3.08 34.42
C LEU B 162 6.72 -2.05 34.67
N GLY B 163 5.71 -2.38 35.47
CA GLY B 163 4.64 -1.44 35.90
C GLY B 163 3.48 -1.39 34.90
N ASN B 164 2.23 -1.42 35.39
CA ASN B 164 1.01 -1.51 34.55
C ASN B 164 -0.11 -0.66 35.14
N GLN B 165 -0.63 0.29 34.36
CA GLN B 165 -1.80 1.12 34.75
C GLN B 165 -3.06 0.61 34.05
N ARG B 166 -2.97 -0.56 33.41
CA ARG B 166 -4.13 -1.31 32.87
C ARG B 166 -3.99 -2.78 33.26
N ILE B 167 -5.13 -3.47 33.38
CA ILE B 167 -5.20 -4.96 33.53
C ILE B 167 -5.30 -5.55 32.10
N GLU B 168 -4.68 -6.71 31.86
CA GLU B 168 -4.71 -7.41 30.56
C GLU B 168 -6.15 -7.83 30.28
N LEU B 169 -6.67 -7.49 29.09
CA LEU B 169 -8.11 -7.67 28.76
C LEU B 169 -8.30 -7.62 27.24
N TRP B 170 -8.48 -8.79 26.62
CA TRP B 170 -8.76 -8.95 25.17
C TRP B 170 -10.04 -9.78 24.94
N HIS B 171 -10.32 -10.76 25.80
CA HIS B 171 -11.59 -11.54 25.79
C HIS B 171 -12.21 -11.50 27.19
N TYR B 172 -13.53 -11.66 27.25
CA TYR B 172 -14.31 -11.83 28.51
C TYR B 172 -15.07 -13.15 28.41
N ASP B 173 -14.42 -14.23 28.83
CA ASP B 173 -15.03 -15.59 28.96
C ASP B 173 -14.52 -16.24 30.25
N THR B 174 -14.73 -15.57 31.39
CA THR B 174 -14.49 -16.15 32.74
C THR B 174 -15.44 -17.35 32.92
N ASP B 175 -16.34 -17.55 31.94
CA ASP B 175 -17.06 -18.82 31.67
C ASP B 175 -16.24 -19.65 30.67
N VAL B 176 -16.00 -20.94 30.97
CA VAL B 176 -15.07 -21.87 30.23
C VAL B 176 -15.59 -22.10 28.80
N VAL B 177 -14.74 -21.86 27.79
CA VAL B 177 -15.12 -21.75 26.35
C VAL B 177 -14.66 -23.02 25.61
N SER B 178 -15.29 -23.27 24.46
CA SER B 178 -14.94 -24.35 23.50
C SER B 178 -13.68 -23.95 22.71
N CYS B 179 -12.59 -24.73 22.82
CA CYS B 179 -11.31 -24.51 22.08
C CYS B 179 -11.02 -25.69 21.14
N LEU B 180 -10.63 -25.39 19.89
CA LEU B 180 -10.17 -26.39 18.90
C LEU B 180 -8.74 -26.83 19.23
N TYR B 181 -7.96 -25.96 19.87
CA TYR B 181 -6.50 -26.12 20.04
C TYR B 181 -6.00 -25.07 21.03
N LYS B 182 -5.06 -25.46 21.90
CA LYS B 182 -4.18 -24.52 22.63
C LYS B 182 -3.01 -25.32 23.23
N ARG B 183 -1.78 -24.86 22.97
CA ARG B 183 -0.59 -25.28 23.73
C ARG B 183 0.44 -24.13 23.76
N ASN B 184 1.30 -24.17 24.77
CA ASN B 184 2.42 -23.22 24.98
C ASN B 184 3.62 -23.70 24.17
N PHE B 185 4.51 -22.79 23.79
CA PHE B 185 5.80 -23.07 23.11
C PHE B 185 6.88 -22.18 23.75
N THR B 186 7.98 -22.78 24.20
CA THR B 186 9.13 -22.03 24.81
C THR B 186 9.90 -21.34 23.68
N TYR B 187 10.39 -20.12 23.93
CA TYR B 187 11.28 -19.35 23.02
C TYR B 187 12.46 -18.77 23.79
N ASP B 188 13.60 -18.59 23.11
CA ASP B 188 14.86 -18.01 23.66
C ASP B 188 14.65 -16.52 23.94
N VAL B 189 14.68 -16.10 25.21
CA VAL B 189 14.41 -14.69 25.61
C VAL B 189 15.60 -13.80 25.22
N ASN B 190 16.77 -14.39 24.92
CA ASN B 190 17.98 -13.64 24.46
C ASN B 190 17.99 -13.51 22.94
N ALA B 191 16.87 -13.80 22.27
CA ALA B 191 16.73 -13.72 20.80
C ALA B 191 16.53 -12.27 20.39
N ASP B 192 17.22 -11.86 19.32
CA ASP B 192 17.19 -10.47 18.75
C ASP B 192 15.81 -10.25 18.13
N TYR B 193 15.42 -11.13 17.20
CA TYR B 193 14.16 -11.09 16.44
C TYR B 193 13.53 -12.48 16.40
N LEU B 194 12.20 -12.52 16.43
CA LEU B 194 11.38 -13.73 16.20
C LEU B 194 10.74 -13.61 14.80
N TYR B 195 10.68 -14.72 14.07
CA TYR B 195 10.09 -14.78 12.70
C TYR B 195 8.90 -15.75 12.71
N PHE B 196 7.83 -15.37 12.00
CA PHE B 196 6.58 -16.16 11.88
C PHE B 196 6.10 -16.16 10.42
N HIS B 197 5.72 -17.34 9.92
CA HIS B 197 4.81 -17.53 8.77
C HIS B 197 3.44 -17.90 9.33
N PHE B 198 2.40 -17.18 8.91
CA PHE B 198 0.98 -17.52 9.18
C PHE B 198 0.25 -17.50 7.84
N TYR B 199 -0.22 -18.67 7.36
CA TYR B 199 -0.95 -18.80 6.07
C TYR B 199 -2.04 -19.86 6.22
N GLN B 200 -2.99 -19.85 5.27
CA GLN B 200 -4.15 -20.77 5.24
C GLN B 200 -4.30 -21.35 3.82
N GLU B 201 -4.82 -22.58 3.72
CA GLU B 201 -5.14 -23.28 2.45
C GLU B 201 -6.28 -24.27 2.69
N GLY B 202 -7.37 -24.15 1.91
CA GLY B 202 -8.51 -25.08 1.90
C GLY B 202 -9.14 -25.27 3.27
N GLY B 203 -9.01 -24.29 4.17
CA GLY B 203 -9.67 -24.28 5.49
C GLY B 203 -8.76 -24.74 6.61
N THR B 204 -7.50 -25.07 6.30
CA THR B 204 -6.45 -25.43 7.29
C THR B 204 -5.53 -24.22 7.50
N PHE B 205 -5.25 -23.89 8.75
CA PHE B 205 -4.29 -22.83 9.16
C PHE B 205 -2.92 -23.45 9.40
N TYR B 206 -1.86 -22.76 8.98
CA TYR B 206 -0.44 -23.20 9.15
C TYR B 206 0.35 -22.10 9.85
N ALA B 207 1.24 -22.51 10.75
CA ALA B 207 2.09 -21.64 11.58
C ALA B 207 3.53 -22.18 11.59
N TYR B 208 4.48 -21.35 11.16
CA TYR B 208 5.94 -21.61 11.27
C TYR B 208 6.55 -20.52 12.16
N PHE B 209 7.70 -20.84 12.78
CA PHE B 209 8.36 -20.00 13.82
C PHE B 209 9.83 -20.37 13.94
N THR B 210 10.67 -19.39 14.29
CA THR B 210 12.08 -19.57 14.70
C THR B 210 12.51 -18.36 15.55
N ASP B 211 13.33 -18.62 16.57
CA ASP B 211 13.95 -17.60 17.45
C ASP B 211 15.49 -17.61 17.23
N THR B 212 15.97 -18.34 16.21
CA THR B 212 17.39 -18.37 15.77
C THR B 212 17.42 -18.43 14.23
N GLY B 213 18.33 -17.69 13.60
CA GLY B 213 18.35 -17.50 12.13
C GLY B 213 17.06 -16.88 11.64
N PHE B 214 16.86 -16.79 10.32
CA PHE B 214 15.64 -16.22 9.70
C PHE B 214 14.70 -17.35 9.25
N VAL B 215 15.22 -18.54 8.95
CA VAL B 215 14.44 -19.63 8.30
C VAL B 215 13.60 -20.31 9.37
N THR B 216 12.27 -20.22 9.25
CA THR B 216 11.27 -20.72 10.22
C THR B 216 11.13 -22.23 10.10
N LYS B 217 10.95 -22.92 11.24
CA LYS B 217 10.57 -24.35 11.31
C LYS B 217 9.06 -24.43 11.56
N PHE B 218 8.44 -25.54 11.14
CA PHE B 218 6.99 -25.83 11.29
C PHE B 218 6.64 -25.82 12.77
N LEU B 219 5.56 -25.14 13.14
CA LEU B 219 5.09 -25.03 14.55
C LEU B 219 3.88 -25.94 14.76
N PHE B 220 2.76 -25.65 14.08
CA PHE B 220 1.53 -26.50 14.09
C PHE B 220 0.67 -26.20 12.85
N LYS B 221 -0.30 -27.08 12.59
CA LYS B 221 -1.38 -26.87 11.59
C LYS B 221 -2.70 -27.26 12.25
N LEU B 222 -3.81 -26.71 11.77
CA LEU B 222 -5.15 -26.91 12.38
C LEU B 222 -6.24 -26.70 11.33
N TYR B 223 -7.07 -27.71 11.08
CA TYR B 223 -8.25 -27.61 10.20
C TYR B 223 -9.32 -26.79 10.93
N LEU B 224 -9.58 -25.58 10.43
CA LEU B 224 -10.69 -24.72 10.90
C LEU B 224 -11.95 -25.09 10.11
N GLY B 225 -11.84 -25.19 8.79
CA GLY B 225 -12.99 -25.42 7.88
C GLY B 225 -13.67 -24.10 7.53
N THR B 226 -13.36 -23.04 8.28
CA THR B 226 -13.76 -21.64 7.99
C THR B 226 -12.59 -20.98 7.24
N VAL B 227 -12.77 -19.73 6.79
CA VAL B 227 -11.73 -18.96 6.02
C VAL B 227 -11.39 -17.68 6.79
N LEU B 228 -10.14 -17.52 7.20
CA LEU B 228 -9.65 -16.38 8.03
C LEU B 228 -9.55 -15.13 7.14
N SER B 229 -10.00 -13.97 7.64
CA SER B 229 -10.20 -12.74 6.82
C SER B 229 -9.50 -11.51 7.42
N HIS B 230 -8.98 -11.57 8.66
CA HIS B 230 -8.40 -10.40 9.37
C HIS B 230 -7.32 -10.83 10.37
N TYR B 231 -6.32 -9.96 10.58
CA TYR B 231 -5.35 -10.02 11.69
C TYR B 231 -5.25 -8.64 12.36
N TYR B 232 -4.96 -8.66 13.66
CA TYR B 232 -4.75 -7.45 14.50
C TYR B 232 -3.60 -7.73 15.47
N VAL B 233 -2.49 -7.02 15.31
CA VAL B 233 -1.42 -6.93 16.35
C VAL B 233 -1.96 -6.03 17.45
N MET B 234 -2.21 -6.61 18.63
CA MET B 234 -2.82 -5.92 19.79
C MET B 234 -1.85 -4.89 20.34
N PRO B 235 -2.35 -3.72 20.80
CA PRO B 235 -1.52 -2.79 21.54
C PRO B 235 -1.10 -3.45 22.87
N LEU B 236 0.13 -3.19 23.29
CA LEU B 236 0.70 -3.61 24.59
C LEU B 236 0.92 -2.36 25.42
N THR B 237 0.23 -2.25 26.57
CA THR B 237 0.30 -1.10 27.51
C THR B 237 1.37 -1.39 28.57
N CYS B 238 2.16 -0.37 28.93
CA CYS B 238 3.31 -0.50 29.88
C CYS B 238 3.68 0.88 30.45
N ASP B 239 4.13 0.94 31.71
CA ASP B 239 4.68 2.16 32.35
C ASP B 239 6.09 2.41 31.83
N SER B 240 6.90 1.36 31.69
CA SER B 240 8.28 1.43 31.14
C SER B 240 8.21 1.82 29.66
N ALA B 241 9.28 2.44 29.15
CA ALA B 241 9.36 3.05 27.81
C ALA B 241 9.85 2.02 26.78
N LEU B 242 9.06 0.96 26.57
CA LEU B 242 9.39 -0.17 25.64
C LEU B 242 9.48 0.37 24.21
N SER B 243 10.28 -0.30 23.37
CA SER B 243 10.42 -0.01 21.92
C SER B 243 9.97 -1.24 21.13
N LEU B 244 8.68 -1.28 20.79
CA LEU B 244 7.99 -2.44 20.18
C LEU B 244 8.10 -2.38 18.65
N GLU B 245 8.32 -3.54 18.03
CA GLU B 245 8.28 -3.72 16.55
C GLU B 245 7.60 -5.07 16.24
N TYR B 246 6.51 -5.01 15.48
CA TYR B 246 5.87 -6.17 14.81
C TYR B 246 5.79 -5.87 13.31
N TRP B 247 6.84 -6.23 12.55
CA TRP B 247 6.97 -5.97 11.09
C TRP B 247 6.23 -7.07 10.31
N VAL B 248 5.24 -6.68 9.49
CA VAL B 248 4.37 -7.61 8.72
C VAL B 248 4.43 -7.23 7.23
N THR B 249 4.68 -8.22 6.38
CA THR B 249 4.54 -8.16 4.91
C THR B 249 3.67 -9.36 4.51
N PRO B 250 2.78 -9.24 3.51
CA PRO B 250 1.88 -10.35 3.17
C PRO B 250 2.58 -11.45 2.37
N LEU B 251 1.99 -12.65 2.37
CA LEU B 251 2.42 -13.82 1.55
C LEU B 251 1.47 -14.00 0.37
N THR B 252 1.99 -14.37 -0.80
CA THR B 252 1.21 -14.97 -1.92
C THR B 252 1.91 -16.27 -2.34
N THR B 253 1.20 -17.12 -3.07
CA THR B 253 1.75 -18.37 -3.67
C THR B 253 2.79 -17.98 -4.72
N ARG B 254 4.04 -18.41 -4.51
CA ARG B 254 5.18 -18.12 -5.41
C ARG B 254 6.10 -19.35 -5.47
N GLN B 255 6.84 -19.47 -6.57
CA GLN B 255 7.87 -20.54 -6.77
C GLN B 255 9.24 -19.97 -6.35
N PHE B 256 9.91 -20.66 -5.43
CA PHE B 256 11.23 -20.28 -4.88
C PHE B 256 12.22 -21.40 -5.14
N LEU B 257 13.48 -21.06 -5.42
CA LEU B 257 14.60 -22.03 -5.50
C LEU B 257 15.36 -21.97 -4.16
N LEU B 258 15.31 -23.05 -3.37
CA LEU B 258 15.96 -23.18 -2.03
C LEU B 258 17.28 -23.95 -2.17
N ALA B 259 18.19 -23.83 -1.20
CA ALA B 259 19.54 -24.43 -1.21
C ALA B 259 19.95 -24.82 0.21
N PHE B 260 20.60 -25.99 0.38
CA PHE B 260 20.85 -26.64 1.70
C PHE B 260 22.33 -27.02 1.85
N ASP B 261 22.94 -26.74 3.02
CA ASP B 261 24.27 -27.26 3.48
C ASP B 261 24.24 -28.79 3.45
N GLN B 262 25.38 -29.44 3.75
CA GLN B 262 25.42 -30.90 4.04
C GLN B 262 24.78 -31.14 5.42
N ASP B 263 24.74 -30.11 6.27
CA ASP B 263 24.07 -30.12 7.60
C ASP B 263 22.61 -29.66 7.47
N GLY B 264 22.03 -29.72 6.26
CA GLY B 264 20.59 -29.53 6.01
C GLY B 264 20.10 -28.11 6.30
N VAL B 265 21.01 -27.14 6.34
CA VAL B 265 20.70 -25.71 6.65
C VAL B 265 20.32 -25.00 5.35
N LEU B 266 19.08 -24.50 5.24
CA LEU B 266 18.65 -23.59 4.15
C LEU B 266 19.47 -22.30 4.30
N TYR B 267 20.41 -22.06 3.39
CA TYR B 267 21.46 -21.00 3.52
C TYR B 267 21.33 -19.96 2.39
N HIS B 268 20.49 -20.21 1.37
CA HIS B 268 20.36 -19.37 0.16
C HIS B 268 19.01 -19.65 -0.52
N ALA B 269 18.39 -18.62 -1.10
CA ALA B 269 17.11 -18.75 -1.83
C ALA B 269 17.04 -17.73 -2.97
N VAL B 270 16.24 -18.05 -4.00
CA VAL B 270 15.93 -17.15 -5.16
C VAL B 270 14.42 -16.99 -5.23
N ASP B 271 13.90 -15.76 -5.08
CA ASP B 271 12.50 -15.44 -5.48
C ASP B 271 12.50 -15.51 -7.01
N CYS B 272 11.89 -16.57 -7.51
CA CYS B 272 12.12 -17.12 -8.86
C CYS B 272 11.44 -16.23 -9.91
N ALA B 273 10.32 -15.59 -9.52
CA ALA B 273 9.49 -14.74 -10.40
C ALA B 273 9.76 -13.26 -10.13
N SER B 274 10.88 -12.92 -9.47
CA SER B 274 11.18 -11.53 -9.02
C SER B 274 11.96 -10.77 -10.08
N ASP B 275 12.64 -11.49 -10.97
CA ASP B 275 13.87 -10.98 -11.63
C ASP B 275 14.17 -11.78 -12.90
N PHE B 276 14.71 -11.14 -13.95
CA PHE B 276 15.18 -11.82 -15.19
C PHE B 276 16.35 -12.73 -14.84
N MET B 277 17.19 -12.32 -13.89
CA MET B 277 18.31 -13.15 -13.34
C MET B 277 17.73 -14.39 -12.65
N SER B 278 16.74 -14.19 -11.77
CA SER B 278 16.11 -15.23 -10.90
C SER B 278 15.44 -16.29 -11.77
N GLU B 279 14.64 -15.87 -12.75
CA GLU B 279 13.94 -16.75 -13.74
C GLU B 279 15.00 -17.65 -14.38
N ILE B 280 16.01 -17.04 -15.02
CA ILE B 280 17.17 -17.73 -15.65
C ILE B 280 17.76 -18.73 -14.64
N MET B 281 17.97 -18.28 -13.40
CA MET B 281 18.67 -19.03 -12.32
C MET B 281 17.92 -20.32 -11.96
N CYS B 282 16.59 -20.36 -12.11
CA CYS B 282 15.76 -21.56 -11.82
C CYS B 282 15.78 -22.52 -13.02
N LYS B 283 16.98 -22.96 -13.42
CA LYS B 283 17.26 -23.85 -14.57
C LYS B 283 16.63 -25.22 -14.33
N THR B 284 17.04 -25.91 -13.27
CA THR B 284 16.40 -27.13 -12.68
C THR B 284 15.21 -27.57 -13.55
#